data_6PIU
#
_entry.id   6PIU
#
_cell.length_a   54.809
_cell.length_b   59.654
_cell.length_c   58.600
_cell.angle_alpha   90.00
_cell.angle_beta   90.00
_cell.angle_gamma   90.00
#
_symmetry.space_group_name_H-M   'P 21 21 21'
#
loop_
_entity.id
_entity.type
_entity.pdbx_description
1 polymer 'NS3 protease'
2 non-polymer 'ZINC ION'
3 non-polymer 'methyl [(1S)-1-cyclohexyl-2-{[(2R,6S,12Z,13aS,14aR,16aS)-2-[(7-methoxy-3-methylquinoxalin-2-yl)oxy]-14a-{[(1-methylcyclopropyl)sulfonyl]carbamoyl}-5,16-dioxo-1,2,3,5,6,7,8,9,10,11,13a,14,14a,15,16,16a-hexadecahydrocyclopropa[e]pyrrolo[1,2-a][1,4]diazacyclopentadecin-6-yl]amino}-2-oxoethyl]carbamate'
4 non-polymer 1,2-ETHANEDIOL
5 water water
#
_entity_poly.entity_id   1
_entity_poly.type   'polypeptide(L)'
_entity_poly.pdbx_seq_one_letter_code
;MGSSHHHHHHSSGLVPRGSHMASMKKKGSVVIVGRINLSGDTAYAQQTRGEEGCQETSQTGRDKNQVEGEVQIVSTATQT
FLATSINGVLWTVYHGAGTRTIASPKGPVTQMYTNVDKDLVGWQAPQGSRSLTPCTCGSSDLYLVTRHADVIPVRRRGDS
RGSLLSPRPISYLKGSSGGPLLCPAGHAVGIFRAAVSTRGVAKAVAFIPVESLETTMRSP
;
_entity_poly.pdbx_strand_id   A
#
# COMPACT_ATOMS: atom_id res chain seq x y z
N MET A 21 22.31 24.20 -9.76
CA MET A 21 21.13 24.99 -9.43
C MET A 21 20.12 24.97 -10.59
N ALA A 22 20.58 25.40 -11.77
CA ALA A 22 19.68 25.40 -12.92
C ALA A 22 19.42 24.00 -13.44
N SER A 23 20.42 23.11 -13.28
CA SER A 23 20.43 21.69 -13.61
C SER A 23 19.71 20.81 -12.60
N MET A 24 19.48 21.32 -11.40
CA MET A 24 18.98 20.51 -10.31
C MET A 24 17.64 19.90 -10.69
N LYS A 25 17.59 18.57 -10.68
CA LYS A 25 16.38 17.84 -11.04
C LYS A 25 15.39 17.82 -9.88
N LYS A 26 14.18 17.32 -10.18
CA LYS A 26 13.11 17.13 -9.20
C LYS A 26 12.70 15.67 -9.21
N LYS A 27 12.50 15.09 -8.03
CA LYS A 27 11.99 13.74 -7.95
C LYS A 27 10.54 13.72 -8.41
N GLY A 28 10.14 12.61 -9.05
CA GLY A 28 8.82 12.51 -9.62
C GLY A 28 7.76 12.19 -8.57
N SER A 29 6.51 12.15 -9.05
CA SER A 29 5.37 11.82 -8.21
C SER A 29 5.13 10.31 -8.22
N VAL A 30 4.52 9.83 -7.13
CA VAL A 30 4.01 8.47 -7.10
C VAL A 30 2.81 8.38 -8.03
N VAL A 31 2.72 7.29 -8.78
CA VAL A 31 1.68 7.10 -9.78
C VAL A 31 0.95 5.81 -9.52
N ILE A 32 -0.39 5.87 -9.53
CA ILE A 32 -1.20 4.66 -9.50
C ILE A 32 -1.15 4.01 -10.87
N VAL A 33 -0.71 2.75 -10.92
CA VAL A 33 -0.61 2.00 -12.16
C VAL A 33 -1.59 0.83 -12.19
N GLY A 34 -2.31 0.58 -11.10
CA GLY A 34 -3.27 -0.50 -11.10
C GLY A 34 -3.97 -0.58 -9.76
N ARG A 35 -4.63 -1.71 -9.54
CA ARG A 35 -5.33 -1.94 -8.28
C ARG A 35 -5.48 -3.43 -8.06
N ILE A 36 -5.79 -3.79 -6.82
CA ILE A 36 -6.14 -5.16 -6.46
C ILE A 36 -7.65 -5.19 -6.28
N ASN A 37 -8.34 -5.85 -7.20
CA ASN A 37 -9.80 -5.93 -7.14
C ASN A 37 -10.20 -6.95 -6.08
N LEU A 38 -10.99 -6.50 -5.09
CA LEU A 38 -11.46 -7.36 -4.02
C LEU A 38 -12.97 -7.40 -3.93
N SER A 39 -13.68 -6.96 -4.99
CA SER A 39 -15.12 -6.80 -4.90
C SER A 39 -15.87 -8.09 -5.19
N GLY A 40 -15.36 -8.92 -6.10
CA GLY A 40 -16.00 -10.17 -6.44
C GLY A 40 -15.76 -11.24 -5.40
N ASP A 41 -15.77 -12.50 -5.85
CA ASP A 41 -15.41 -13.62 -5.00
C ASP A 41 -14.00 -14.14 -5.27
N THR A 42 -13.34 -13.63 -6.29
CA THR A 42 -11.96 -13.96 -6.55
C THR A 42 -11.16 -12.68 -6.71
N ALA A 43 -10.07 -12.58 -5.95
CA ALA A 43 -9.20 -11.42 -5.99
C ALA A 43 -8.25 -11.53 -7.17
N TYR A 44 -8.05 -10.40 -7.85
CA TYR A 44 -7.16 -10.37 -9.01
C TYR A 44 -6.61 -8.97 -9.18
N ALA A 45 -5.38 -8.90 -9.69
CA ALA A 45 -4.75 -7.62 -9.98
C ALA A 45 -5.20 -7.11 -11.34
N GLN A 46 -5.36 -5.79 -11.45
CA GLN A 46 -5.66 -5.13 -12.71
C GLN A 46 -4.67 -3.98 -12.90
N GLN A 47 -4.15 -3.85 -14.11
CA GLN A 47 -3.28 -2.74 -14.45
C GLN A 47 -4.06 -1.68 -15.20
N THR A 48 -3.82 -0.41 -14.85
CA THR A 48 -4.52 0.71 -15.45
C THR A 48 -3.60 1.63 -16.24
N ARG A 49 -2.28 1.41 -16.20
CA ARG A 49 -1.34 2.29 -16.86
C ARG A 49 -0.03 1.54 -17.09
N GLY A 50 0.53 1.70 -18.29
CA GLY A 50 1.77 1.04 -18.64
C GLY A 50 3.00 1.86 -18.24
N GLU A 51 4.16 1.27 -18.50
CA GLU A 51 5.42 1.88 -18.09
C GLU A 51 5.58 3.28 -18.68
N GLU A 52 5.41 3.41 -20.00
CA GLU A 52 5.56 4.71 -20.65
C GLU A 52 4.62 5.73 -20.01
N GLY A 53 3.33 5.40 -19.91
CA GLY A 53 2.39 6.32 -19.30
C GLY A 53 2.73 6.62 -17.85
N CYS A 54 3.32 5.65 -17.14
CA CYS A 54 3.71 5.88 -15.75
C CYS A 54 4.83 6.90 -15.66
N GLN A 55 5.87 6.73 -16.48
CA GLN A 55 7.00 7.67 -16.44
C GLN A 55 6.55 9.08 -16.76
N GLU A 56 5.73 9.24 -17.79
CA GLU A 56 5.25 10.58 -18.14
C GLU A 56 4.39 11.16 -17.03
N THR A 57 3.50 10.35 -16.45
CA THR A 57 2.65 10.83 -15.36
C THR A 57 3.48 11.18 -14.14
N SER A 58 4.57 10.45 -13.89
CA SER A 58 5.43 10.76 -12.76
C SER A 58 6.10 12.11 -12.93
N GLN A 59 6.48 12.47 -14.15
CA GLN A 59 7.15 13.74 -14.39
C GLN A 59 6.18 14.91 -14.28
N THR A 60 4.99 14.79 -14.89
CA THR A 60 4.02 15.87 -14.90
C THR A 60 3.24 15.94 -13.59
N GLY A 61 3.00 14.81 -12.94
CA GLY A 61 2.18 14.78 -11.76
C GLY A 61 0.69 14.89 -12.01
N ARG A 62 0.26 14.77 -13.27
CA ARG A 62 -1.15 14.89 -13.63
C ARG A 62 -1.62 13.53 -14.14
N ASP A 63 -2.48 12.88 -13.34
CA ASP A 63 -3.05 11.58 -13.66
C ASP A 63 -4.56 11.76 -13.77
N LYS A 64 -5.09 11.63 -14.98
CA LYS A 64 -6.51 11.80 -15.23
C LYS A 64 -7.25 10.46 -15.36
N ASN A 65 -6.61 9.35 -14.98
CA ASN A 65 -7.27 8.06 -14.99
C ASN A 65 -8.23 7.94 -13.83
N GLN A 66 -9.40 7.35 -14.09
CA GLN A 66 -10.35 7.10 -13.01
C GLN A 66 -9.77 6.11 -12.02
N VAL A 67 -10.02 6.34 -10.74
CA VAL A 67 -9.53 5.49 -9.65
C VAL A 67 -10.70 4.71 -9.08
N GLU A 68 -10.46 3.45 -8.75
CA GLU A 68 -11.46 2.58 -8.17
C GLU A 68 -10.82 1.68 -7.13
N GLY A 69 -11.61 1.28 -6.13
CA GLY A 69 -11.18 0.27 -5.20
C GLY A 69 -10.42 0.80 -4.01
N GLU A 70 -9.97 -0.14 -3.18
CA GLU A 70 -9.32 0.17 -1.92
C GLU A 70 -7.80 0.00 -1.95
N VAL A 71 -7.29 -0.98 -2.69
CA VAL A 71 -5.87 -1.30 -2.72
C VAL A 71 -5.33 -0.90 -4.10
N GLN A 72 -4.50 0.12 -4.13
CA GLN A 72 -3.90 0.61 -5.36
C GLN A 72 -2.49 0.04 -5.51
N ILE A 73 -2.08 -0.12 -6.78
CA ILE A 73 -0.70 -0.45 -7.12
C ILE A 73 -0.03 0.83 -7.56
N VAL A 74 1.06 1.20 -6.89
CA VAL A 74 1.71 2.49 -7.09
C VAL A 74 3.14 2.25 -7.56
N SER A 75 3.68 3.21 -8.29
CA SER A 75 5.01 3.10 -8.86
C SER A 75 5.71 4.45 -8.87
N THR A 76 7.02 4.40 -8.65
CA THR A 76 7.92 5.52 -8.86
C THR A 76 8.68 5.30 -10.17
N ALA A 77 9.78 6.03 -10.36
CA ALA A 77 10.65 5.75 -11.50
C ALA A 77 11.45 4.47 -11.30
N THR A 78 11.65 4.05 -10.04
CA THR A 78 12.53 2.94 -9.73
C THR A 78 11.88 1.83 -8.91
N GLN A 79 10.67 2.03 -8.40
CA GLN A 79 10.09 1.11 -7.43
C GLN A 79 8.59 0.95 -7.69
N THR A 80 8.05 -0.20 -7.29
CA THR A 80 6.63 -0.44 -7.34
C THR A 80 6.21 -1.15 -6.05
N PHE A 81 5.09 -0.71 -5.49
CA PHE A 81 4.58 -1.22 -4.22
C PHE A 81 3.07 -0.96 -4.20
N LEU A 82 2.48 -1.00 -3.00
CA LEU A 82 1.05 -0.87 -2.85
C LEU A 82 0.69 0.31 -1.97
N ALA A 83 -0.55 0.77 -2.10
CA ALA A 83 -1.11 1.82 -1.25
C ALA A 83 -2.56 1.47 -0.95
N THR A 84 -2.99 1.69 0.29
CA THR A 84 -4.28 1.25 0.79
C THR A 84 -5.04 2.42 1.38
N SER A 85 -6.32 2.55 0.99
CA SER A 85 -7.18 3.61 1.50
C SER A 85 -7.85 3.15 2.78
N ILE A 86 -7.68 3.92 3.85
CA ILE A 86 -8.33 3.68 5.13
C ILE A 86 -8.83 5.01 5.66
N ASN A 87 -10.12 5.07 5.99
CA ASN A 87 -10.77 6.28 6.48
C ASN A 87 -10.37 7.51 5.66
N GLY A 88 -10.56 7.40 4.34
CA GLY A 88 -10.35 8.54 3.47
C GLY A 88 -8.93 8.96 3.27
N VAL A 89 -7.96 8.10 3.59
CA VAL A 89 -6.54 8.40 3.44
C VAL A 89 -5.88 7.24 2.72
N LEU A 90 -5.14 7.55 1.65
CA LEU A 90 -4.36 6.55 0.92
C LEU A 90 -3.00 6.39 1.59
N TRP A 91 -2.79 5.25 2.26
CA TRP A 91 -1.60 4.99 3.04
C TRP A 91 -0.61 4.12 2.27
N THR A 92 0.68 4.39 2.49
CA THR A 92 1.74 3.54 1.96
C THR A 92 2.95 3.66 2.88
N VAL A 93 4.06 3.03 2.50
CA VAL A 93 5.26 2.96 3.32
C VAL A 93 6.21 4.08 2.93
N TYR A 94 6.94 4.59 3.92
CA TYR A 94 7.90 5.66 3.64
C TYR A 94 9.06 5.13 2.81
N HIS A 95 9.51 3.90 3.07
CA HIS A 95 10.66 3.37 2.34
C HIS A 95 10.36 3.15 0.86
N GLY A 96 9.10 3.30 0.45
CA GLY A 96 8.75 3.23 -0.95
C GLY A 96 8.47 4.60 -1.53
N ALA A 97 7.61 5.36 -0.86
CA ALA A 97 7.17 6.65 -1.38
C ALA A 97 8.07 7.81 -1.00
N GLY A 98 8.88 7.67 0.05
CA GLY A 98 9.60 8.82 0.53
C GLY A 98 8.64 9.96 0.82
N THR A 99 9.12 11.19 0.60
CA THR A 99 8.31 12.38 0.76
C THR A 99 7.64 12.81 -0.54
N ARG A 100 7.53 11.91 -1.52
CA ARG A 100 7.07 12.28 -2.84
C ARG A 100 5.59 12.66 -2.83
N THR A 101 5.22 13.51 -3.79
CA THR A 101 3.83 13.76 -4.09
C THR A 101 3.22 12.59 -4.84
N ILE A 102 1.91 12.58 -4.95
CA ILE A 102 1.18 11.59 -5.74
C ILE A 102 0.47 12.32 -6.87
N ALA A 103 0.51 11.74 -8.07
CA ALA A 103 -0.14 12.35 -9.21
C ALA A 103 -1.66 12.34 -9.03
N SER A 104 -2.31 13.40 -9.50
CA SER A 104 -3.76 13.52 -9.40
C SER A 104 -4.26 14.26 -10.62
N PRO A 105 -5.57 14.28 -10.84
CA PRO A 105 -6.10 15.01 -12.01
C PRO A 105 -5.69 16.47 -12.06
N LYS A 106 -5.56 17.12 -10.90
CA LYS A 106 -5.23 18.55 -10.84
C LYS A 106 -3.75 18.80 -10.63
N GLY A 107 -2.92 17.77 -10.59
CA GLY A 107 -1.49 17.94 -10.41
C GLY A 107 -0.97 17.18 -9.21
N PRO A 108 0.32 17.36 -8.90
CA PRO A 108 0.89 16.66 -7.75
C PRO A 108 0.25 17.09 -6.44
N VAL A 109 -0.02 16.12 -5.58
CA VAL A 109 -0.65 16.35 -4.29
C VAL A 109 0.37 16.05 -3.20
N THR A 110 0.51 16.99 -2.27
CA THR A 110 1.48 16.86 -1.18
C THR A 110 0.96 15.91 -0.11
N GLN A 111 1.89 15.16 0.49
CA GLN A 111 1.54 14.25 1.57
C GLN A 111 0.91 15.03 2.72
N MET A 112 -0.16 14.46 3.28
CA MET A 112 -0.75 15.00 4.50
C MET A 112 -0.29 14.25 5.75
N TYR A 113 0.38 13.12 5.59
CA TYR A 113 1.00 12.41 6.70
C TYR A 113 2.36 11.88 6.28
N THR A 114 3.36 12.09 7.12
CA THR A 114 4.70 11.57 6.90
C THR A 114 5.30 11.22 8.25
N ASN A 115 5.64 9.95 8.45
CA ASN A 115 6.24 9.50 9.70
C ASN A 115 7.29 8.44 9.39
N VAL A 116 8.56 8.86 9.37
CA VAL A 116 9.65 7.95 9.06
C VAL A 116 9.87 6.95 10.20
N ASP A 117 9.52 7.33 11.42
CA ASP A 117 9.67 6.40 12.54
C ASP A 117 8.71 5.24 12.44
N LYS A 118 7.50 5.48 11.93
CA LYS A 118 6.53 4.42 11.69
C LYS A 118 6.68 3.80 10.30
N ASP A 119 7.53 4.37 9.44
CA ASP A 119 7.66 3.94 8.05
C ASP A 119 6.35 4.13 7.30
N LEU A 120 5.66 5.24 7.59
CA LEU A 120 4.31 5.48 7.11
C LEU A 120 4.21 6.85 6.47
N VAL A 121 3.50 6.92 5.35
CA VAL A 121 3.10 8.19 4.74
C VAL A 121 1.64 8.04 4.27
N GLY A 122 1.04 9.17 3.94
CA GLY A 122 -0.34 9.16 3.49
C GLY A 122 -0.76 10.40 2.72
N TRP A 123 -1.61 10.19 1.72
CA TRP A 123 -2.24 11.27 0.97
C TRP A 123 -3.75 11.21 1.17
N GLN A 124 -4.42 12.31 0.85
CA GLN A 124 -5.87 12.28 0.74
C GLN A 124 -6.29 11.23 -0.27
N ALA A 125 -7.24 10.38 0.11
CA ALA A 125 -7.65 9.30 -0.77
C ALA A 125 -8.23 9.87 -2.06
N PRO A 126 -7.82 9.37 -3.23
CA PRO A 126 -8.28 9.99 -4.48
C PRO A 126 -9.77 9.80 -4.71
N GLN A 127 -10.33 10.74 -5.47
CA GLN A 127 -11.74 10.68 -5.84
C GLN A 127 -12.03 9.37 -6.56
N GLY A 128 -13.12 8.71 -6.18
CA GLY A 128 -13.51 7.46 -6.78
C GLY A 128 -13.07 6.23 -6.01
N SER A 129 -12.04 6.35 -5.19
CA SER A 129 -11.57 5.22 -4.40
C SER A 129 -12.55 4.93 -3.27
N ARG A 130 -12.48 3.72 -2.74
CA ARG A 130 -13.24 3.30 -1.58
C ARG A 130 -12.28 3.01 -0.44
N SER A 131 -12.75 3.25 0.79
CA SER A 131 -11.94 3.12 1.99
C SER A 131 -12.25 1.82 2.72
N LEU A 132 -11.24 1.28 3.37
CA LEU A 132 -11.43 0.18 4.31
C LEU A 132 -11.74 0.74 5.68
N THR A 133 -12.49 -0.02 6.47
CA THR A 133 -12.87 0.41 7.82
C THR A 133 -11.86 -0.10 8.83
N PRO A 134 -11.36 0.73 9.75
CA PRO A 134 -10.48 0.22 10.81
C PRO A 134 -11.14 -0.90 11.58
N CYS A 135 -10.36 -1.94 11.87
CA CYS A 135 -10.86 -3.09 12.61
C CYS A 135 -11.03 -2.76 14.08
N THR A 136 -12.17 -3.18 14.65
CA THR A 136 -12.40 -3.13 16.08
C THR A 136 -12.77 -4.51 16.63
N CYS A 137 -12.56 -5.57 15.84
CA CYS A 137 -12.93 -6.92 16.24
C CYS A 137 -11.97 -7.51 17.27
N GLY A 138 -10.75 -7.01 17.35
CA GLY A 138 -9.77 -7.62 18.24
C GLY A 138 -9.39 -9.04 17.84
N SER A 139 -9.52 -9.37 16.57
CA SER A 139 -9.24 -10.71 16.10
C SER A 139 -7.80 -10.83 15.61
N SER A 140 -7.24 -12.02 15.78
CA SER A 140 -5.86 -12.28 15.40
C SER A 140 -5.75 -13.23 14.21
N ASP A 141 -6.86 -13.53 13.55
CA ASP A 141 -6.87 -14.32 12.31
C ASP A 141 -6.93 -13.32 11.15
N LEU A 142 -5.76 -13.01 10.59
CA LEU A 142 -5.62 -11.94 9.61
C LEU A 142 -5.37 -12.52 8.23
N TYR A 143 -5.42 -11.62 7.24
CA TYR A 143 -5.21 -11.99 5.84
C TYR A 143 -4.43 -10.88 5.17
N LEU A 144 -3.28 -11.23 4.57
CA LEU A 144 -2.44 -10.27 3.87
C LEU A 144 -2.75 -10.32 2.38
N VAL A 145 -2.97 -9.14 1.80
CA VAL A 145 -3.22 -9.01 0.36
C VAL A 145 -1.93 -8.53 -0.30
N THR A 146 -1.44 -9.30 -1.25
CA THR A 146 -0.20 -8.98 -1.95
C THR A 146 -0.51 -8.32 -3.30
N ARG A 147 0.55 -7.81 -3.94
CA ARG A 147 0.39 -7.16 -5.23
C ARG A 147 -0.06 -8.10 -6.33
N HIS A 148 0.13 -9.41 -6.14
CA HIS A 148 -0.32 -10.41 -7.10
C HIS A 148 -1.70 -10.96 -6.76
N ALA A 149 -2.44 -10.26 -5.90
CA ALA A 149 -3.80 -10.65 -5.51
C ALA A 149 -3.83 -11.93 -4.70
N ASP A 150 -2.70 -12.34 -4.13
CA ASP A 150 -2.70 -13.44 -3.17
C ASP A 150 -3.31 -12.97 -1.85
N VAL A 151 -4.07 -13.85 -1.21
CA VAL A 151 -4.69 -13.57 0.09
C VAL A 151 -4.11 -14.59 1.07
N ILE A 152 -3.11 -14.18 1.83
CA ILE A 152 -2.29 -15.08 2.63
C ILE A 152 -2.82 -15.06 4.07
N PRO A 153 -3.26 -16.20 4.60
CA PRO A 153 -3.62 -16.25 6.02
C PRO A 153 -2.42 -15.94 6.91
N VAL A 154 -2.60 -15.02 7.84
CA VAL A 154 -1.55 -14.59 8.77
C VAL A 154 -2.15 -14.57 10.16
N ARG A 155 -1.44 -15.16 11.11
CA ARG A 155 -1.83 -15.15 12.52
C ARG A 155 -1.11 -14.01 13.22
N ARG A 156 -1.86 -13.14 13.88
CA ARG A 156 -1.25 -12.04 14.61
C ARG A 156 -0.46 -12.58 15.80
N ARG A 157 0.79 -12.15 15.93
CA ARG A 157 1.66 -12.55 17.02
C ARG A 157 2.05 -11.40 17.94
N GLY A 158 1.73 -10.17 17.59
CA GLY A 158 2.02 -9.05 18.45
C GLY A 158 1.31 -7.81 17.96
N ASP A 159 1.71 -6.66 18.52
CA ASP A 159 1.12 -5.41 18.09
C ASP A 159 1.41 -5.13 16.62
N SER A 160 2.57 -5.56 16.12
CA SER A 160 2.98 -5.24 14.76
C SER A 160 3.64 -6.41 14.05
N ARG A 161 3.40 -7.65 14.49
CA ARG A 161 3.99 -8.82 13.87
C ARG A 161 2.93 -9.88 13.61
N GLY A 162 3.16 -10.68 12.58
CA GLY A 162 2.29 -11.80 12.27
C GLY A 162 3.08 -12.87 11.56
N SER A 163 2.66 -14.11 11.75
CA SER A 163 3.33 -15.26 11.18
C SER A 163 2.51 -15.82 10.03
N LEU A 164 3.17 -16.12 8.92
CA LEU A 164 2.50 -16.77 7.80
C LEU A 164 2.14 -18.20 8.19
N LEU A 165 0.87 -18.56 7.98
CA LEU A 165 0.47 -19.95 8.20
C LEU A 165 1.19 -20.88 7.24
N SER A 166 1.49 -20.41 6.04
CA SER A 166 2.25 -21.16 5.03
C SER A 166 3.45 -20.32 4.63
N PRO A 167 4.60 -20.53 5.25
CA PRO A 167 5.80 -19.77 4.86
C PRO A 167 6.11 -19.94 3.38
N ARG A 168 6.76 -18.94 2.80
CA ARG A 168 7.12 -18.96 1.39
C ARG A 168 8.27 -17.99 1.17
N PRO A 169 9.00 -18.14 0.06
CA PRO A 169 10.16 -17.25 -0.18
C PRO A 169 9.74 -15.78 -0.18
N ILE A 170 10.65 -14.93 0.30
CA ILE A 170 10.36 -13.51 0.38
C ILE A 170 10.05 -12.92 -0.99
N SER A 171 10.54 -13.55 -2.06
CA SER A 171 10.25 -13.06 -3.41
C SER A 171 8.76 -12.85 -3.62
N TYR A 172 7.92 -13.70 -3.01
CA TYR A 172 6.48 -13.59 -3.21
C TYR A 172 5.89 -12.36 -2.54
N LEU A 173 6.55 -11.84 -1.50
CA LEU A 173 6.06 -10.65 -0.81
C LEU A 173 6.69 -9.36 -1.33
N LYS A 174 7.75 -9.43 -2.12
CA LYS A 174 8.41 -8.23 -2.61
C LYS A 174 7.43 -7.39 -3.42
N GLY A 175 7.43 -6.08 -3.15
CA GLY A 175 6.54 -5.17 -3.83
C GLY A 175 5.15 -5.10 -3.24
N SER A 176 4.92 -5.69 -2.08
CA SER A 176 3.60 -5.70 -1.45
C SER A 176 3.51 -4.79 -0.23
N SER A 177 4.59 -4.12 0.16
CA SER A 177 4.50 -3.15 1.22
C SER A 177 3.46 -2.10 0.87
N GLY A 178 2.76 -1.61 1.89
CA GLY A 178 1.64 -0.72 1.69
C GLY A 178 0.32 -1.43 1.50
N GLY A 179 0.32 -2.74 1.30
CA GLY A 179 -0.88 -3.51 1.18
C GLY A 179 -1.52 -3.74 2.54
N PRO A 180 -2.78 -4.16 2.54
CA PRO A 180 -3.51 -4.32 3.81
C PRO A 180 -3.37 -5.69 4.43
N LEU A 181 -3.47 -5.70 5.76
CA LEU A 181 -3.78 -6.90 6.52
C LEU A 181 -5.22 -6.77 7.00
N LEU A 182 -6.06 -7.70 6.58
CA LEU A 182 -7.49 -7.65 6.85
C LEU A 182 -7.88 -8.64 7.94
N CYS A 183 -8.94 -8.33 8.65
CA CYS A 183 -9.56 -9.27 9.59
C CYS A 183 -10.56 -10.14 8.85
N PRO A 184 -11.15 -11.14 9.52
CA PRO A 184 -12.11 -11.99 8.82
C PRO A 184 -13.27 -11.23 8.22
N ALA A 185 -13.66 -10.11 8.84
CA ALA A 185 -14.78 -9.32 8.37
C ALA A 185 -14.41 -8.32 7.27
N GLY A 186 -13.15 -8.28 6.86
CA GLY A 186 -12.73 -7.35 5.83
C GLY A 186 -12.30 -5.98 6.32
N HIS A 187 -12.18 -5.79 7.63
CA HIS A 187 -11.68 -4.53 8.16
C HIS A 187 -10.17 -4.46 7.99
N ALA A 188 -9.66 -3.23 7.91
CA ALA A 188 -8.22 -3.02 7.84
C ALA A 188 -7.61 -3.18 9.23
N VAL A 189 -6.61 -4.03 9.36
CA VAL A 189 -5.92 -4.23 10.62
C VAL A 189 -4.54 -3.59 10.63
N GLY A 190 -3.91 -3.42 9.48
CA GLY A 190 -2.58 -2.85 9.43
C GLY A 190 -2.11 -2.76 8.00
N ILE A 191 -0.93 -2.14 7.84
CA ILE A 191 -0.31 -1.93 6.54
C ILE A 191 0.98 -2.73 6.49
N PHE A 192 1.11 -3.58 5.47
CA PHE A 192 2.30 -4.40 5.31
C PHE A 192 3.54 -3.53 5.18
N ARG A 193 4.53 -3.78 6.03
CA ARG A 193 5.74 -2.97 6.07
C ARG A 193 7.00 -3.76 5.77
N ALA A 194 7.21 -4.90 6.41
CA ALA A 194 8.45 -5.63 6.26
C ALA A 194 8.19 -7.12 6.41
N ALA A 195 9.13 -7.92 5.90
CA ALA A 195 9.08 -9.37 6.00
C ALA A 195 10.23 -9.85 6.87
N VAL A 196 9.91 -10.67 7.87
CA VAL A 196 10.93 -11.31 8.69
C VAL A 196 11.45 -12.52 7.93
N SER A 197 12.70 -12.44 7.45
CA SER A 197 13.27 -13.45 6.58
C SER A 197 14.19 -14.37 7.36
N THR A 198 14.08 -15.67 7.08
CA THR A 198 14.94 -16.69 7.66
C THR A 198 15.47 -17.54 6.51
N ARG A 199 16.73 -17.34 6.15
CA ARG A 199 17.34 -18.05 5.02
C ARG A 199 16.50 -17.87 3.76
N GLY A 200 15.98 -16.65 3.58
CA GLY A 200 15.21 -16.30 2.41
C GLY A 200 13.74 -16.63 2.48
N VAL A 201 13.29 -17.29 3.54
CA VAL A 201 11.89 -17.68 3.68
C VAL A 201 11.20 -16.71 4.63
N ALA A 202 10.07 -16.16 4.20
CA ALA A 202 9.29 -15.25 5.03
C ALA A 202 8.39 -16.07 5.94
N LYS A 203 8.83 -16.27 7.19
CA LYS A 203 7.99 -16.93 8.18
C LYS A 203 7.14 -15.93 8.96
N ALA A 204 7.55 -14.67 9.00
CA ALA A 204 6.82 -13.63 9.72
C ALA A 204 6.77 -12.35 8.90
N VAL A 205 5.86 -11.46 9.30
CA VAL A 205 5.70 -10.16 8.66
C VAL A 205 5.55 -9.09 9.74
N ALA A 206 6.06 -7.90 9.45
CA ALA A 206 5.85 -6.72 10.28
C ALA A 206 4.88 -5.79 9.56
N PHE A 207 4.00 -5.15 10.34
CA PHE A 207 3.00 -4.26 9.75
C PHE A 207 2.76 -3.08 10.68
N ILE A 208 2.16 -2.03 10.12
CA ILE A 208 1.83 -0.82 10.86
C ILE A 208 0.40 -0.98 11.38
N PRO A 209 0.20 -1.08 12.70
CA PRO A 209 -1.16 -1.27 13.21
C PRO A 209 -2.10 -0.18 12.75
N VAL A 210 -3.36 -0.56 12.51
CA VAL A 210 -4.37 0.42 12.12
C VAL A 210 -4.54 1.48 13.20
N GLU A 211 -4.40 1.10 14.47
CA GLU A 211 -4.50 2.07 15.54
C GLU A 211 -3.39 3.11 15.47
N SER A 212 -2.21 2.71 15.00
CA SER A 212 -1.14 3.68 14.78
C SER A 212 -1.51 4.67 13.69
N LEU A 213 -2.16 4.19 12.62
CA LEU A 213 -2.72 5.11 11.63
C LEU A 213 -3.76 6.02 12.27
N GLU A 214 -4.72 5.44 12.98
CA GLU A 214 -5.79 6.23 13.59
C GLU A 214 -5.21 7.31 14.49
N THR A 215 -4.15 7.00 15.22
CA THR A 215 -3.48 8.00 16.05
C THR A 215 -2.96 9.13 15.17
N THR A 216 -2.12 8.81 14.19
CA THR A 216 -1.52 9.82 13.32
C THR A 216 -2.57 10.79 12.79
N MET A 217 -3.78 10.30 12.52
CA MET A 217 -4.84 11.15 12.01
C MET A 217 -5.35 12.11 13.08
#